data_6LYB
#
_entry.id   6LYB
#
_cell.length_a   105.369
_cell.length_b   105.369
_cell.length_c   71.459
_cell.angle_alpha   90.000
_cell.angle_beta   90.000
_cell.angle_gamma   120.000
#
_symmetry.space_group_name_H-M   'P 64'
#
loop_
_entity.id
_entity.type
_entity.pdbx_description
1 polymer 'Pyrrolysine--tRNA ligase'
2 non-polymer 'PHOSPHOAMINOPHOSPHONIC ACID-ADENYLATE ESTER'
3 non-polymer 'MAGNESIUM ION'
4 non-polymer '(2R)-2-azanyl-3-(1-benzothiophen-3-yl)propanoic acid'
5 water water
#
_entity_poly.entity_id   1
_entity_poly.type   'polypeptide(L)'
_entity_poly.pdbx_seq_one_letter_code
;MHHHHHHASAPALTKSQTDRLEVLLNPKDEISLNSGKPFRELESELLSRRKKDLQQIYAEERENYLGKLEREITRFFVDR
GFLEIKSPILIPLEYIERMGIDNDTELSKQIFRVDKNFCLRPMLAPNLYNYLRKLDRALPDPIKIFEIGPCYRKESDGKE
HLEEFTMLGFQQMGSGCTRENLESIITDFLNHLGIDFKIVGDSCMVYGDTLDVMHGDLELSSAGVGPIPLDREWGIDKPW
IGAGFGLERLLKVKHDFKNIKRAARSESYYNGISTNL
;
_entity_poly.pdbx_strand_id   A
#
# COMPACT_ATOMS: atom_id res chain seq x y z
N ALA A 12 -0.36 -33.16 -22.05
CA ALA A 12 -1.06 -31.87 -22.04
C ALA A 12 -1.73 -31.61 -20.68
N LEU A 13 -1.23 -30.60 -19.99
CA LEU A 13 -1.83 -30.17 -18.73
C LEU A 13 -3.12 -29.41 -19.16
N THR A 14 -4.25 -29.56 -18.44
CA THR A 14 -5.48 -28.79 -18.76
C THR A 14 -5.28 -27.32 -18.24
N LYS A 15 -6.02 -26.32 -18.75
CA LYS A 15 -5.84 -24.94 -18.21
C LYS A 15 -6.17 -24.96 -16.66
N SER A 16 -7.22 -25.67 -16.20
CA SER A 16 -7.52 -25.75 -14.72
C SER A 16 -6.30 -26.38 -13.91
N GLN A 17 -5.68 -27.47 -14.40
CA GLN A 17 -4.51 -28.07 -13.68
C GLN A 17 -3.34 -27.00 -13.65
N THR A 18 -3.08 -26.32 -14.76
CA THR A 18 -2.05 -25.24 -14.76
C THR A 18 -2.44 -24.10 -13.72
N ASP A 19 -3.72 -23.71 -13.59
CA ASP A 19 -4.12 -22.65 -12.62
C ASP A 19 -3.73 -23.19 -11.22
N ARG A 20 -4.02 -24.46 -11.00
CA ARG A 20 -3.72 -25.06 -9.70
C ARG A 20 -2.22 -25.06 -9.41
N LEU A 21 -1.42 -25.45 -10.40
CA LEU A 21 0.03 -25.45 -10.20
C LEU A 21 0.55 -24.02 -10.01
N GLU A 22 -0.03 -23.04 -10.70
CA GLU A 22 0.46 -21.68 -10.56
C GLU A 22 0.14 -21.09 -9.19
N VAL A 23 -0.94 -21.53 -8.54
CA VAL A 23 -1.14 -21.16 -7.14
C VAL A 23 0.03 -21.63 -6.29
N LEU A 24 0.58 -22.78 -6.59
CA LEU A 24 1.63 -23.39 -5.78
C LEU A 24 3.02 -22.96 -6.20
N LEU A 25 3.14 -22.21 -7.30
CA LEU A 25 4.45 -21.82 -7.80
C LEU A 25 4.90 -20.54 -7.14
N ASN A 26 6.13 -20.51 -6.67
CA ASN A 26 6.66 -19.25 -6.15
C ASN A 26 7.64 -18.66 -7.16
N PRO A 27 7.82 -17.33 -7.19
CA PRO A 27 8.66 -16.75 -8.26
C PRO A 27 10.03 -17.39 -8.37
N LYS A 28 10.67 -17.73 -7.24
CA LYS A 28 11.99 -18.35 -7.24
C LYS A 28 11.97 -19.81 -7.67
N ASP A 29 10.81 -20.41 -7.91
CA ASP A 29 10.77 -21.80 -8.33
C ASP A 29 11.39 -21.94 -9.71
N GLU A 30 12.18 -22.99 -9.90
CA GLU A 30 12.83 -23.26 -11.17
C GLU A 30 12.14 -24.42 -11.90
N ILE A 31 10.83 -24.46 -11.86
CA ILE A 31 10.19 -25.63 -12.43
C ILE A 31 9.44 -25.21 -13.70
N SER A 32 9.55 -25.96 -14.83
CA SER A 32 8.87 -25.60 -16.10
C SER A 32 7.49 -26.29 -16.00
N LEU A 33 6.36 -25.57 -15.90
CA LEU A 33 5.02 -26.24 -15.91
C LEU A 33 4.83 -27.01 -17.30
N ASN A 34 5.26 -26.41 -18.43
CA ASN A 34 5.14 -27.09 -19.80
C ASN A 34 5.95 -28.43 -20.07
N SER A 35 6.87 -28.88 -19.20
CA SER A 35 7.65 -30.15 -19.43
C SER A 35 6.73 -31.42 -19.35
N GLY A 36 7.21 -32.58 -19.81
CA GLY A 36 6.39 -33.78 -19.85
C GLY A 36 5.79 -34.38 -18.54
N LYS A 37 6.32 -34.09 -17.34
CA LYS A 37 5.74 -34.72 -16.11
C LYS A 37 4.25 -34.41 -15.93
N PRO A 38 3.53 -35.43 -15.50
CA PRO A 38 2.08 -35.40 -15.23
C PRO A 38 1.74 -34.46 -14.09
N PHE A 39 0.53 -33.90 -14.19
CA PHE A 39 0.01 -33.00 -13.16
C PHE A 39 0.24 -33.54 -11.75
N ARG A 40 -0.13 -34.79 -11.56
CA ARG A 40 -0.20 -35.36 -10.20
C ARG A 40 1.15 -35.24 -9.46
N GLU A 41 2.20 -35.54 -10.24
CA GLU A 41 3.63 -35.47 -9.77
C GLU A 41 4.16 -34.00 -9.57
N LEU A 42 3.91 -33.18 -10.57
CA LEU A 42 4.26 -31.78 -10.46
C LEU A 42 3.49 -31.19 -9.24
N GLU A 43 2.20 -31.52 -9.05
CA GLU A 43 1.48 -31.02 -7.84
C GLU A 43 2.15 -31.52 -6.51
N SER A 44 2.56 -32.78 -6.48
CA SER A 44 3.12 -33.34 -5.26
C SER A 44 4.47 -32.70 -4.94
N GLU A 45 5.27 -32.39 -5.96
CA GLU A 45 6.55 -31.70 -5.76
C GLU A 45 6.33 -30.31 -5.18
N LEU A 46 5.43 -29.55 -5.79
CA LEU A 46 5.20 -28.18 -5.35
C LEU A 46 4.56 -28.14 -3.96
N LEU A 47 3.63 -29.04 -3.68
CA LEU A 47 3.06 -29.14 -2.33
C LEU A 47 4.15 -29.36 -1.29
N SER A 48 5.08 -30.26 -1.58
CA SER A 48 6.17 -30.52 -0.64
C SER A 48 7.01 -29.27 -0.44
N ARG A 49 7.33 -28.55 -1.52
CA ARG A 49 8.11 -27.33 -1.40
C ARG A 49 7.40 -26.27 -0.56
N ARG A 50 6.11 -26.05 -0.82
CA ARG A 50 5.40 -25.00 -0.09
C ARG A 50 5.21 -25.34 1.36
N LYS A 51 5.01 -26.62 1.67
CA LYS A 51 4.94 -27.05 3.07
C LYS A 51 6.26 -26.77 3.80
N LYS A 52 7.37 -27.07 3.13
CA LYS A 52 8.72 -26.84 3.74
C LYS A 52 8.93 -25.32 3.97
N ASP A 53 8.53 -24.53 2.96
CA ASP A 53 8.60 -23.08 3.08
C ASP A 53 7.86 -22.58 4.33
N LEU A 54 6.61 -23.03 4.52
CA LEU A 54 5.88 -22.65 5.72
C LEU A 54 6.55 -23.15 6.99
N GLN A 55 7.07 -24.37 6.96
CA GLN A 55 7.75 -24.89 8.15
C GLN A 55 8.96 -24.05 8.51
N GLN A 56 9.69 -23.56 7.50
CA GLN A 56 10.88 -22.75 7.76
C GLN A 56 10.50 -21.38 8.36
N ILE A 57 9.42 -20.78 7.86
CA ILE A 57 8.92 -19.54 8.46
C ILE A 57 8.55 -19.77 9.93
N TYR A 58 7.83 -20.88 10.20
CA TYR A 58 7.33 -21.15 11.55
C TYR A 58 8.45 -21.45 12.52
N ALA A 59 9.53 -22.07 12.02
CA ALA A 59 10.66 -22.42 12.88
C ALA A 59 11.56 -21.23 13.16
N GLU A 60 11.66 -20.27 12.24
CA GLU A 60 12.80 -19.35 12.24
C GLU A 60 12.50 -17.87 12.36
N GLU A 61 11.38 -17.34 11.85
CA GLU A 61 11.15 -15.91 12.04
C GLU A 61 9.72 -15.57 12.47
N ARG A 62 8.73 -16.14 11.80
CA ARG A 62 7.33 -16.16 12.26
C ARG A 62 6.63 -14.82 12.06
N GLU A 63 7.22 -13.90 11.33
CA GLU A 63 6.62 -12.59 11.10
C GLU A 63 5.90 -12.53 9.75
N ASN A 64 4.77 -11.86 9.75
CA ASN A 64 3.96 -11.65 8.57
C ASN A 64 4.54 -10.52 7.70
N TYR A 65 4.52 -10.70 6.38
CA TYR A 65 5.13 -9.72 5.47
C TYR A 65 4.54 -8.33 5.65
N LEU A 66 3.22 -8.25 5.75
CA LEU A 66 2.54 -6.96 5.86
C LEU A 66 2.81 -6.31 7.20
N GLY A 67 2.78 -7.10 8.30
CA GLY A 67 3.12 -6.53 9.60
C GLY A 67 4.57 -6.05 9.66
N LYS A 68 5.48 -6.88 9.17
CA LYS A 68 6.90 -6.53 9.20
C LYS A 68 7.18 -5.30 8.37
N LEU A 69 6.55 -5.20 7.19
CA LEU A 69 6.76 -4.01 6.36
C LEU A 69 6.22 -2.77 7.08
N GLU A 70 5.05 -2.88 7.70
CA GLU A 70 4.54 -1.74 8.46
C GLU A 70 5.50 -1.33 9.55
N ARG A 71 6.11 -2.30 10.27
CA ARG A 71 7.04 -1.97 11.35
C ARG A 71 8.32 -1.34 10.80
N GLU A 72 8.82 -1.84 9.66
CA GLU A 72 10.01 -1.24 9.04
C GLU A 72 9.76 0.18 8.55
N ILE A 73 8.64 0.40 7.88
CA ILE A 73 8.29 1.76 7.45
C ILE A 73 8.13 2.68 8.66
N THR A 74 7.49 2.20 9.71
CA THR A 74 7.31 3.00 10.92
C THR A 74 8.65 3.47 11.49
N ARG A 75 9.63 2.56 11.58
CA ARG A 75 10.93 2.95 12.10
C ARG A 75 11.59 3.98 11.19
N PHE A 76 11.47 3.81 9.87
CA PHE A 76 12.05 4.76 8.92
C PHE A 76 11.51 6.17 9.17
N PHE A 77 10.19 6.30 9.30
CA PHE A 77 9.61 7.62 9.40
C PHE A 77 9.76 8.20 10.81
N VAL A 78 9.61 7.39 11.84
CA VAL A 78 9.86 7.89 13.19
C VAL A 78 11.28 8.43 13.30
N ASP A 79 12.21 7.69 12.73
CA ASP A 79 13.61 8.05 12.82
C ASP A 79 13.86 9.37 12.07
N ARG A 80 13.07 9.65 11.08
CA ARG A 80 13.22 10.84 10.29
C ARG A 80 12.46 12.04 10.87
N GLY A 81 11.87 11.88 12.04
CA GLY A 81 11.21 12.98 12.73
C GLY A 81 9.72 13.11 12.49
N PHE A 82 9.06 12.06 11.97
CA PHE A 82 7.62 12.07 11.71
C PHE A 82 6.86 11.41 12.86
N LEU A 83 5.76 12.05 13.29
CA LEU A 83 4.93 11.53 14.37
C LEU A 83 4.03 10.42 13.85
N GLU A 84 3.99 9.28 14.56
CA GLU A 84 3.14 8.14 14.16
C GLU A 84 1.69 8.34 14.62
N ILE A 85 0.79 8.38 13.64
CA ILE A 85 -0.66 8.59 13.82
C ILE A 85 -1.36 7.24 13.63
N LYS A 86 -2.38 6.99 14.44
CA LYS A 86 -3.34 5.89 14.22
C LYS A 86 -4.74 6.49 14.37
N SER A 87 -5.39 6.74 13.25
CA SER A 87 -6.67 7.42 13.23
C SER A 87 -7.77 6.48 12.76
N PRO A 88 -9.03 6.91 12.83
CA PRO A 88 -10.12 5.96 12.58
C PRO A 88 -10.12 5.46 11.15
N ILE A 89 -10.50 4.19 11.00
CA ILE A 89 -10.68 3.59 9.68
C ILE A 89 -12.11 3.83 9.19
N LEU A 90 -13.07 3.76 10.10
CA LEU A 90 -14.46 4.12 9.83
C LEU A 90 -14.62 5.62 10.05
N ILE A 91 -14.89 6.37 8.99
CA ILE A 91 -14.86 7.82 9.01
C ILE A 91 -16.19 8.38 8.54
N PRO A 92 -16.50 9.65 8.87
CA PRO A 92 -17.74 10.27 8.40
C PRO A 92 -17.78 10.38 6.89
N LEU A 93 -18.93 10.03 6.33
CA LEU A 93 -19.08 10.15 4.89
C LEU A 93 -18.81 11.57 4.44
N GLU A 94 -19.10 12.56 5.30
CA GLU A 94 -18.90 13.96 4.92
C GLU A 94 -17.45 14.25 4.58
N TYR A 95 -16.48 13.48 5.10
CA TYR A 95 -15.08 13.72 4.76
C TYR A 95 -14.80 13.51 3.27
N ILE A 96 -15.51 12.56 2.66
CA ILE A 96 -15.28 12.27 1.25
C ILE A 96 -15.68 13.47 0.39
N GLU A 97 -16.89 14.00 0.61
CA GLU A 97 -17.32 15.21 -0.09
C GLU A 97 -16.36 16.35 0.16
N ARG A 98 -15.95 16.55 1.41
CA ARG A 98 -15.07 17.68 1.70
C ARG A 98 -13.68 17.51 1.10
N MET A 99 -13.33 16.32 0.65
CA MET A 99 -12.13 16.12 -0.13
C MET A 99 -12.31 16.51 -1.59
N GLY A 100 -13.49 16.97 -1.97
CA GLY A 100 -13.75 17.31 -3.35
C GLY A 100 -14.11 16.13 -4.21
N ILE A 101 -14.52 15.05 -3.57
CA ILE A 101 -14.83 13.85 -4.32
C ILE A 101 -16.33 13.89 -4.65
N ASP A 102 -16.71 14.52 -5.75
CA ASP A 102 -18.07 14.60 -6.24
C ASP A 102 -18.37 13.40 -7.18
N ASN A 103 -19.61 13.34 -7.67
CA ASN A 103 -20.02 12.22 -8.56
C ASN A 103 -19.16 12.14 -9.88
N ASP A 104 -18.79 13.28 -10.50
CA ASP A 104 -17.95 13.20 -11.75
C ASP A 104 -16.59 12.44 -11.45
N THR A 105 -15.94 12.69 -10.30
CA THR A 105 -14.68 11.95 -9.99
C THR A 105 -14.98 10.41 -9.92
N GLU A 106 -14.12 9.52 -10.44
CA GLU A 106 -14.39 8.03 -10.34
C GLU A 106 -14.47 7.47 -8.85
N LEU A 107 -13.70 8.01 -7.90
CA LEU A 107 -13.68 7.47 -6.50
C LEU A 107 -15.10 7.46 -5.81
N SER A 108 -15.99 8.39 -6.15
CA SER A 108 -17.25 8.42 -5.42
C SER A 108 -17.97 7.10 -5.55
N LYS A 109 -17.68 6.42 -6.64
CA LYS A 109 -18.35 5.15 -6.92
C LYS A 109 -17.62 3.99 -6.23
N GLN A 110 -16.48 4.29 -5.66
CA GLN A 110 -15.62 3.28 -5.07
C GLN A 110 -15.78 3.19 -3.57
N ILE A 111 -16.68 3.97 -2.95
CA ILE A 111 -16.75 4.07 -1.50
C ILE A 111 -17.57 2.93 -0.94
N PHE A 112 -17.01 2.22 0.06
CA PHE A 112 -17.77 1.30 0.91
C PHE A 112 -18.50 2.09 1.99
N ARG A 113 -19.81 2.21 1.86
CA ARG A 113 -20.62 2.92 2.83
C ARG A 113 -21.01 1.99 3.96
N VAL A 114 -21.12 2.57 5.16
CA VAL A 114 -21.50 1.87 6.37
C VAL A 114 -22.56 2.70 7.07
N ASP A 115 -23.74 2.13 7.34
CA ASP A 115 -24.80 2.89 7.98
C ASP A 115 -25.23 4.01 7.04
N LYS A 116 -25.71 5.13 7.58
CA LYS A 116 -26.14 6.24 6.75
C LYS A 116 -25.10 7.33 6.59
N ASN A 117 -24.24 7.51 7.59
CA ASN A 117 -23.33 8.65 7.64
C ASN A 117 -21.85 8.25 7.73
N PHE A 118 -21.50 6.98 7.53
CA PHE A 118 -20.11 6.57 7.66
C PHE A 118 -19.68 5.77 6.43
N CYS A 119 -18.36 5.66 6.29
CA CYS A 119 -17.76 4.85 5.25
C CYS A 119 -16.43 4.31 5.75
N LEU A 120 -15.98 3.25 5.10
CA LEU A 120 -14.60 2.80 5.25
C LEU A 120 -13.70 3.73 4.46
N ARG A 121 -12.70 4.29 5.09
CA ARG A 121 -11.91 5.28 4.43
C ARG A 121 -11.23 4.76 3.20
N PRO A 122 -11.34 5.48 2.10
CA PRO A 122 -10.59 5.11 0.90
C PRO A 122 -9.23 5.78 0.82
N MET A 123 -8.91 6.64 1.76
CA MET A 123 -7.68 7.40 1.70
C MET A 123 -7.36 7.87 3.10
N LEU A 124 -6.12 8.31 3.31
CA LEU A 124 -5.69 8.81 4.60
C LEU A 124 -5.73 10.34 4.68
N ALA A 125 -5.86 11.02 3.55
CA ALA A 125 -5.73 12.47 3.52
C ALA A 125 -6.65 13.21 4.49
N PRO A 126 -7.92 12.83 4.66
CA PRO A 126 -8.79 13.60 5.59
C PRO A 126 -8.26 13.66 7.00
N ASN A 127 -7.94 12.48 7.58
CA ASN A 127 -7.43 12.39 8.93
C ASN A 127 -6.06 13.07 9.05
N LEU A 128 -5.22 12.95 8.02
CA LEU A 128 -3.94 13.66 8.10
C LEU A 128 -4.12 15.17 8.09
N TYR A 129 -5.04 15.69 7.27
CA TYR A 129 -5.38 17.12 7.30
C TYR A 129 -5.85 17.54 8.69
N ASN A 130 -6.75 16.76 9.31
CA ASN A 130 -7.24 17.12 10.63
C ASN A 130 -6.12 17.13 11.65
N TYR A 131 -5.21 16.17 11.57
CA TYR A 131 -4.11 16.15 12.53
C TYR A 131 -3.16 17.32 12.31
N LEU A 132 -2.89 17.67 11.05
CA LEU A 132 -2.00 18.80 10.79
C LEU A 132 -2.57 20.08 11.40
N ARG A 133 -3.87 20.31 11.18
CA ARG A 133 -4.53 21.50 11.70
C ARG A 133 -4.47 21.54 13.23
N LYS A 134 -4.80 20.43 13.88
CA LYS A 134 -4.82 20.45 15.34
C LYS A 134 -3.42 20.55 15.93
N LEU A 135 -2.45 19.81 15.35
CA LEU A 135 -1.11 19.79 15.92
C LEU A 135 -0.36 21.10 15.68
N ASP A 136 -0.84 21.85 14.73
CA ASP A 136 -0.23 23.12 14.37
C ASP A 136 -0.32 24.08 15.59
N ARG A 137 -1.33 23.86 16.39
CA ARG A 137 -1.49 24.56 17.62
C ARG A 137 -0.50 24.29 18.76
N ALA A 138 0.17 23.12 18.81
CA ALA A 138 1.11 22.66 19.87
C ALA A 138 2.58 22.38 19.40
N LEU A 139 2.78 22.08 18.14
CA LEU A 139 4.09 21.57 17.78
C LEU A 139 4.88 22.60 16.99
N PRO A 140 6.20 22.56 17.09
CA PRO A 140 7.02 23.51 16.33
C PRO A 140 7.09 23.19 14.84
N ASP A 141 7.32 24.25 14.09
CA ASP A 141 7.46 24.17 12.65
C ASP A 141 8.78 23.50 12.28
N PRO A 142 8.78 22.52 11.34
CA PRO A 142 7.66 21.96 10.57
C PRO A 142 7.01 20.75 11.27
N ILE A 143 5.75 20.51 10.93
CA ILE A 143 4.95 19.44 11.50
C ILE A 143 5.04 18.27 10.53
N LYS A 144 5.49 17.13 11.04
CA LYS A 144 5.77 15.95 10.21
C LYS A 144 4.99 14.79 10.82
N ILE A 145 4.08 14.20 10.04
CA ILE A 145 3.27 13.10 10.54
C ILE A 145 3.16 12.00 9.47
N PHE A 146 2.81 10.80 9.93
CA PHE A 146 2.55 9.73 8.98
C PHE A 146 1.59 8.73 9.62
N GLU A 147 0.91 7.97 8.76
CA GLU A 147 0.02 6.92 9.22
C GLU A 147 0.14 5.75 8.26
N ILE A 148 0.02 4.56 8.81
CA ILE A 148 -0.08 3.32 8.04
C ILE A 148 -1.31 2.58 8.50
N GLY A 149 -2.14 2.14 7.57
CA GLY A 149 -3.25 1.29 7.96
C GLY A 149 -4.22 1.00 6.84
N PRO A 150 -5.26 0.21 7.16
CA PRO A 150 -6.23 -0.22 6.13
C PRO A 150 -6.95 0.93 5.45
N CYS A 151 -7.17 0.75 4.15
CA CYS A 151 -8.03 1.61 3.33
C CYS A 151 -8.82 0.68 2.41
N TYR A 152 -9.95 1.19 1.92
CA TYR A 152 -10.92 0.39 1.20
C TYR A 152 -11.47 1.11 -0.02
N ARG A 153 -11.46 0.42 -1.15
CA ARG A 153 -12.04 0.94 -2.39
C ARG A 153 -12.67 -0.22 -3.16
N LYS A 154 -13.78 0.06 -3.81
CA LYS A 154 -14.41 -0.93 -4.71
C LYS A 154 -13.59 -0.82 -5.99
N GLU A 155 -13.15 -1.94 -6.53
CA GLU A 155 -12.30 -1.98 -7.71
C GLU A 155 -12.77 -3.08 -8.65
N SER A 156 -12.57 -2.88 -9.95
CA SER A 156 -12.64 -4.00 -10.89
C SER A 156 -11.50 -4.98 -10.65
N ASP A 157 -11.75 -6.25 -10.97
CA ASP A 157 -10.74 -7.28 -10.73
C ASP A 157 -9.48 -6.88 -11.46
N GLY A 158 -8.36 -6.93 -10.76
CA GLY A 158 -7.11 -6.53 -11.36
C GLY A 158 -5.93 -7.16 -10.66
N LYS A 159 -4.86 -7.31 -11.38
CA LYS A 159 -3.71 -7.93 -10.76
C LYS A 159 -2.98 -6.88 -9.90
N GLU A 160 -3.43 -5.64 -9.95
CA GLU A 160 -2.74 -4.59 -9.18
C GLU A 160 -3.63 -3.92 -8.15
N HIS A 161 -4.90 -4.34 -7.99
CA HIS A 161 -5.83 -3.65 -7.11
C HIS A 161 -6.47 -4.65 -6.14
N LEU A 162 -6.56 -4.25 -4.88
CA LEU A 162 -7.30 -4.95 -3.86
C LEU A 162 -8.43 -4.07 -3.38
N GLU A 163 -9.50 -4.69 -2.86
CA GLU A 163 -10.56 -3.85 -2.31
C GLU A 163 -10.22 -3.45 -0.89
N GLU A 164 -9.42 -4.26 -0.21
CA GLU A 164 -8.93 -4.02 1.13
C GLU A 164 -7.41 -3.96 1.03
N PHE A 165 -6.83 -2.78 1.23
CA PHE A 165 -5.39 -2.63 1.12
C PHE A 165 -4.88 -1.80 2.29
N THR A 166 -3.59 -1.61 2.30
CA THR A 166 -2.94 -0.92 3.35
C THR A 166 -2.15 0.28 2.78
N MET A 167 -2.35 1.47 3.31
CA MET A 167 -1.66 2.62 2.80
C MET A 167 -0.77 3.31 3.81
N LEU A 168 0.35 3.79 3.32
CA LEU A 168 1.24 4.64 4.07
C LEU A 168 0.99 6.05 3.56
N GLY A 169 0.71 6.98 4.44
CA GLY A 169 0.57 8.39 4.13
C GLY A 169 1.46 9.26 4.99
N PHE A 170 2.25 10.13 4.39
CA PHE A 170 3.03 11.05 5.20
C PHE A 170 2.82 12.45 4.69
N GLN A 171 2.97 13.41 5.61
CA GLN A 171 2.73 14.79 5.26
C GLN A 171 3.59 15.66 6.17
N GLN A 172 4.17 16.69 5.58
CA GLN A 172 4.95 17.69 6.30
C GLN A 172 4.37 19.05 5.98
N MET A 173 4.26 19.93 6.99
CA MET A 173 3.61 21.21 6.81
C MET A 173 4.44 22.30 7.45
N GLY A 174 4.64 23.39 6.70
CA GLY A 174 5.37 24.53 7.20
C GLY A 174 6.61 24.77 6.36
N SER A 175 7.76 24.91 7.03
CA SER A 175 8.99 25.15 6.29
C SER A 175 9.54 23.86 5.70
N GLY A 176 10.39 24.03 4.68
CA GLY A 176 11.04 22.89 4.05
C GLY A 176 10.16 22.11 3.11
N CYS A 177 9.01 22.66 2.73
CA CYS A 177 8.05 21.93 1.93
C CYS A 177 8.27 22.23 0.45
N THR A 178 9.39 21.74 -0.04
CA THR A 178 9.75 21.87 -1.44
C THR A 178 9.64 20.54 -2.17
N ARG A 179 9.45 20.65 -3.48
CA ARG A 179 9.48 19.45 -4.30
C ARG A 179 10.78 18.69 -4.13
N GLU A 180 11.89 19.40 -4.03
CA GLU A 180 13.17 18.71 -3.86
C GLU A 180 13.18 17.92 -2.57
N ASN A 181 12.66 18.48 -1.47
CA ASN A 181 12.69 17.73 -0.23
C ASN A 181 11.75 16.53 -0.33
N LEU A 182 10.63 16.71 -1.01
CA LEU A 182 9.70 15.59 -1.18
C LEU A 182 10.36 14.47 -1.97
N GLU A 183 11.01 14.80 -3.09
CA GLU A 183 11.67 13.76 -3.86
C GLU A 183 12.79 13.10 -3.06
N SER A 184 13.45 13.85 -2.19
CA SER A 184 14.49 13.25 -1.38
C SER A 184 13.92 12.23 -0.39
N ILE A 185 12.78 12.54 0.23
CA ILE A 185 12.17 11.58 1.16
C ILE A 185 11.80 10.31 0.43
N ILE A 186 11.12 10.46 -0.69
CA ILE A 186 10.70 9.32 -1.50
C ILE A 186 11.91 8.48 -1.91
N THR A 187 12.96 9.16 -2.36
CA THR A 187 14.13 8.47 -2.87
C THR A 187 14.84 7.71 -1.75
N ASP A 188 15.08 8.37 -0.61
CA ASP A 188 15.69 7.67 0.51
C ASP A 188 14.83 6.49 0.94
N PHE A 189 13.52 6.69 0.99
CA PHE A 189 12.60 5.64 1.45
C PHE A 189 12.69 4.39 0.56
N LEU A 190 12.58 4.58 -0.75
CA LEU A 190 12.55 3.41 -1.63
C LEU A 190 13.92 2.78 -1.78
N ASN A 191 15.00 3.55 -1.68
CA ASN A 191 16.33 2.93 -1.69
C ASN A 191 16.59 2.18 -0.42
N HIS A 192 16.02 2.64 0.70
CA HIS A 192 16.10 1.91 1.95
C HIS A 192 15.40 0.56 1.83
N LEU A 193 14.21 0.53 1.20
CA LEU A 193 13.46 -0.72 1.05
C LEU A 193 13.99 -1.60 -0.07
N GLY A 194 14.82 -1.05 -0.95
CA GLY A 194 15.29 -1.78 -2.11
C GLY A 194 14.26 -1.96 -3.20
N ILE A 195 13.56 -0.89 -3.55
CA ILE A 195 12.53 -0.93 -4.57
C ILE A 195 12.90 0.05 -5.66
N ASP A 196 12.98 -0.44 -6.90
CA ASP A 196 13.33 0.41 -8.03
C ASP A 196 12.14 1.28 -8.40
N PHE A 197 12.42 2.49 -8.85
CA PHE A 197 11.33 3.42 -9.09
C PHE A 197 11.81 4.52 -10.03
N LYS A 198 10.86 5.22 -10.60
CA LYS A 198 11.09 6.47 -11.31
C LYS A 198 10.01 7.43 -10.86
N ILE A 199 10.39 8.67 -10.63
CA ILE A 199 9.46 9.75 -10.31
C ILE A 199 9.08 10.43 -11.61
N VAL A 200 7.77 10.58 -11.86
CA VAL A 200 7.29 11.23 -13.08
C VAL A 200 6.39 12.39 -12.69
N GLY A 201 6.60 13.53 -13.34
CA GLY A 201 5.81 14.73 -13.11
C GLY A 201 5.69 15.61 -14.34
N GLY A 208 -0.95 23.82 -7.33
CA GLY A 208 -1.10 22.39 -7.17
C GLY A 208 -0.11 21.60 -8.04
N ASP A 209 1.00 21.07 -7.47
CA ASP A 209 2.06 20.31 -8.20
C ASP A 209 1.88 18.79 -7.86
N THR A 210 1.74 17.88 -8.86
CA THR A 210 1.51 16.41 -8.70
C THR A 210 2.77 15.65 -9.11
N LEU A 211 2.86 14.41 -8.64
CA LEU A 211 4.05 13.61 -8.85
C LEU A 211 3.62 12.17 -8.66
N ASP A 212 3.99 11.28 -9.57
CA ASP A 212 3.72 9.86 -9.39
C ASP A 212 5.03 9.11 -9.30
N VAL A 213 5.07 8.10 -8.44
CA VAL A 213 6.24 7.25 -8.26
C VAL A 213 5.89 5.93 -8.90
N MET A 214 6.59 5.58 -9.98
CA MET A 214 6.25 4.43 -10.81
C MET A 214 7.29 3.34 -10.69
N HIS A 215 6.82 2.09 -10.77
CA HIS A 215 7.70 0.96 -11.00
C HIS A 215 7.23 0.36 -12.32
N GLY A 216 7.92 0.67 -13.40
CA GLY A 216 7.38 0.31 -14.70
C GLY A 216 6.04 0.97 -14.90
N ASP A 217 5.04 0.18 -15.22
CA ASP A 217 3.70 0.70 -15.38
C ASP A 217 2.90 0.70 -14.09
N LEU A 218 3.48 0.25 -12.98
CA LEU A 218 2.77 0.16 -11.71
C LEU A 218 2.97 1.43 -10.87
N GLU A 219 1.88 2.03 -10.43
CA GLU A 219 1.97 3.19 -9.55
C GLU A 219 2.20 2.75 -8.11
N LEU A 220 3.36 3.10 -7.55
CA LEU A 220 3.62 2.88 -6.12
C LEU A 220 3.04 3.98 -5.25
N SER A 221 3.01 5.20 -5.75
CA SER A 221 2.62 6.34 -4.94
C SER A 221 2.13 7.47 -5.83
N SER A 222 1.20 8.25 -5.29
CA SER A 222 0.99 9.61 -5.74
C SER A 222 1.45 10.57 -4.65
N ALA A 223 2.08 11.67 -5.06
CA ALA A 223 2.66 12.63 -4.13
C ALA A 223 2.21 14.03 -4.51
N GLY A 224 2.29 14.95 -3.55
CA GLY A 224 1.75 16.28 -3.76
C GLY A 224 2.53 17.35 -3.04
N VAL A 225 2.43 18.56 -3.57
CA VAL A 225 3.03 19.76 -2.98
C VAL A 225 1.93 20.80 -2.85
N GLY A 226 1.74 21.31 -1.64
CA GLY A 226 0.75 22.33 -1.40
C GLY A 226 1.46 23.66 -1.23
N PRO A 227 0.71 24.75 -1.12
CA PRO A 227 -0.74 24.75 -0.90
C PRO A 227 -1.55 24.47 -2.15
N ILE A 228 -2.77 24.00 -1.93
CA ILE A 228 -3.77 23.85 -2.98
C ILE A 228 -5.07 24.43 -2.45
N PRO A 229 -6.02 24.76 -3.33
CA PRO A 229 -7.27 25.40 -2.85
C PRO A 229 -8.06 24.54 -1.89
N LEU A 230 -7.98 23.21 -2.00
CA LEU A 230 -8.68 22.31 -1.10
C LEU A 230 -8.29 22.53 0.37
N ASP A 231 -7.06 22.95 0.62
CA ASP A 231 -6.58 23.14 1.98
C ASP A 231 -7.53 23.97 2.83
N ARG A 232 -8.13 24.99 2.22
CA ARG A 232 -8.94 25.93 2.97
C ARG A 232 -10.11 25.25 3.67
N GLU A 233 -10.73 24.26 3.02
CA GLU A 233 -11.84 23.54 3.64
C GLU A 233 -11.43 22.77 4.89
N TRP A 234 -10.15 22.44 5.02
CA TRP A 234 -9.64 21.67 6.14
C TRP A 234 -8.93 22.54 7.17
N GLY A 235 -9.03 23.86 7.02
CA GLY A 235 -8.42 24.75 8.00
C GLY A 235 -6.92 24.83 7.90
N ILE A 236 -6.38 24.52 6.72
CA ILE A 236 -4.94 24.50 6.47
C ILE A 236 -4.62 25.73 5.64
N ASP A 237 -3.55 26.45 5.99
CA ASP A 237 -3.13 27.59 5.20
C ASP A 237 -1.61 27.74 5.19
N LYS A 238 -0.90 26.63 5.19
CA LYS A 238 0.55 26.59 5.16
C LYS A 238 0.99 25.69 4.02
N PRO A 239 2.20 25.87 3.51
CA PRO A 239 2.70 24.93 2.51
C PRO A 239 2.85 23.55 3.11
N TRP A 240 2.85 22.55 2.23
CA TRP A 240 2.99 21.16 2.68
C TRP A 240 3.49 20.30 1.54
N ILE A 241 4.04 19.14 1.90
CA ILE A 241 4.39 18.08 0.96
C ILE A 241 3.90 16.76 1.56
N GLY A 242 3.57 15.79 0.70
CA GLY A 242 3.16 14.51 1.24
C GLY A 242 3.03 13.48 0.13
N ALA A 243 2.77 12.24 0.54
CA ALA A 243 2.64 11.16 -0.43
C ALA A 243 1.89 10.01 0.22
N GLY A 244 1.32 9.19 -0.66
CA GLY A 244 0.66 7.98 -0.23
C GLY A 244 1.15 6.79 -1.02
N PHE A 245 1.46 5.68 -0.34
CA PHE A 245 2.03 4.47 -0.93
C PHE A 245 1.19 3.25 -0.55
N GLY A 246 0.96 2.33 -1.49
CA GLY A 246 0.34 1.06 -1.11
C GLY A 246 1.33 0.01 -0.65
N LEU A 247 1.20 -0.49 0.58
CA LEU A 247 2.13 -1.51 1.06
C LEU A 247 2.08 -2.79 0.23
N GLU A 248 0.88 -3.24 -0.13
CA GLU A 248 0.81 -4.50 -0.89
C GLU A 248 1.50 -4.34 -2.24
N ARG A 249 1.41 -3.15 -2.85
CA ARG A 249 2.16 -2.95 -4.10
C ARG A 249 3.66 -3.00 -3.87
N LEU A 250 4.14 -2.42 -2.76
CA LEU A 250 5.57 -2.54 -2.47
C LEU A 250 5.96 -4.00 -2.30
N LEU A 251 5.14 -4.78 -1.59
CA LEU A 251 5.44 -6.20 -1.41
C LEU A 251 5.43 -6.93 -2.75
N LYS A 252 4.44 -6.62 -3.59
CA LYS A 252 4.36 -7.27 -4.89
C LYS A 252 5.63 -7.05 -5.69
N VAL A 253 6.14 -5.81 -5.71
CA VAL A 253 7.37 -5.52 -6.45
C VAL A 253 8.55 -6.23 -5.82
N LYS A 254 8.69 -6.12 -4.50
CA LYS A 254 9.85 -6.65 -3.81
C LYS A 254 9.97 -8.15 -3.98
N HIS A 255 8.84 -8.86 -3.90
CA HIS A 255 8.86 -10.31 -3.96
C HIS A 255 8.51 -10.84 -5.34
N ASP A 256 8.29 -9.97 -6.30
CA ASP A 256 8.05 -10.36 -7.68
C ASP A 256 6.80 -11.23 -7.79
N PHE A 257 5.76 -10.90 -7.03
CA PHE A 257 4.50 -11.60 -7.11
C PHE A 257 3.82 -11.22 -8.40
N LYS A 258 3.25 -12.20 -9.09
CA LYS A 258 2.55 -11.86 -10.31
C LYS A 258 1.16 -11.29 -10.06
N ASN A 259 0.55 -11.54 -8.92
CA ASN A 259 -0.75 -10.99 -8.60
C ASN A 259 -0.70 -10.42 -7.19
N ILE A 260 -1.24 -9.21 -7.02
CA ILE A 260 -1.20 -8.54 -5.73
C ILE A 260 -1.97 -9.30 -4.64
N LYS A 261 -2.88 -10.21 -5.01
CA LYS A 261 -3.53 -11.04 -3.98
C LYS A 261 -2.54 -11.81 -3.14
N ARG A 262 -1.37 -12.13 -3.68
CA ARG A 262 -0.35 -12.82 -2.89
C ARG A 262 0.15 -12.00 -1.71
N ALA A 263 0.00 -10.69 -1.76
CA ALA A 263 0.53 -9.83 -0.71
C ALA A 263 -0.54 -9.34 0.27
N ALA A 264 -1.81 -9.61 -0.01
CA ALA A 264 -2.92 -9.04 0.73
C ALA A 264 -3.11 -9.73 2.07
N ARG A 265 -3.82 -9.05 2.97
CA ARG A 265 -4.58 -9.71 4.02
C ARG A 265 -5.41 -10.80 3.42
N SER A 266 -5.26 -12.03 3.90
CA SER A 266 -5.82 -13.12 3.13
C SER A 266 -5.90 -14.34 4.01
N GLU A 267 -6.85 -15.23 3.67
CA GLU A 267 -6.82 -16.60 4.18
C GLU A 267 -6.21 -17.56 3.17
N SER A 268 -5.88 -17.09 1.96
CA SER A 268 -5.42 -17.92 0.84
C SER A 268 -3.90 -17.92 0.66
N TYR A 269 -3.19 -16.98 1.28
CA TYR A 269 -1.75 -16.86 1.14
C TYR A 269 -1.16 -16.41 2.47
N TYR A 270 -0.01 -16.99 2.84
CA TYR A 270 0.77 -16.53 3.98
C TYR A 270 2.15 -16.17 3.47
N ASN A 271 2.51 -14.89 3.58
CA ASN A 271 3.79 -14.42 3.03
C ASN A 271 3.98 -14.93 1.59
N GLY A 272 2.91 -14.85 0.80
CA GLY A 272 2.97 -15.21 -0.60
C GLY A 272 2.96 -16.70 -0.86
N ILE A 273 2.81 -17.53 0.17
CA ILE A 273 2.74 -18.98 0.01
C ILE A 273 1.29 -19.40 0.11
N SER A 274 0.85 -20.23 -0.84
CA SER A 274 -0.52 -20.73 -0.76
C SER A 274 -0.75 -21.47 0.54
N THR A 275 -1.90 -21.21 1.15
CA THR A 275 -2.32 -21.91 2.35
C THR A 275 -3.23 -23.09 2.04
N ASN A 276 -3.47 -23.38 0.77
CA ASN A 276 -4.39 -24.44 0.33
C ASN A 276 -3.54 -25.61 -0.14
N LEU A 277 -3.05 -26.35 0.83
CA LEU A 277 -2.08 -27.38 0.60
C LEU A 277 -2.70 -28.77 0.88
#